data_4B28
#
_entry.id   4B28
#
_cell.length_a   116.850
_cell.length_b   116.850
_cell.length_c   133.430
_cell.angle_alpha   90.00
_cell.angle_beta   90.00
_cell.angle_gamma   120.00
#
_symmetry.space_group_name_H-M   'P 63 2 2'
#
loop_
_entity.id
_entity.type
_entity.pdbx_description
1 polymer 'METALLOPEPTIDASE, FAMILY M24, PUTATIVE'
2 non-polymer 'FE (III) ION'
3 water water
#
_entity_poly.entity_id   1
_entity_poly.type   'polypeptide(L)'
_entity_poly.pdbx_seq_one_letter_code
;MGSSHHHHHHSSGLVPRGSHMASMNRHFNATRKIDPSRGATLGDGSPNDMNRVEIGPTQLAFAEWHTARLDLPDLAAMRR
FRHRRLTDHVVARGYAGLLMFDPLNIRYATDSTNMQLWNTHNPFRATLLCADGYMVMWDYKNSPFLSEFNPLVREQRAGA
DLFYFDRGDKVDVAADVFANEVRILLRDHAPGLRRLAVDKVMLHGLRALQAQGFEIMDGEEVTEKARSVKGPDEIRAMRC
ASHACEVAVRKMEDFARSKVGDGVTCENDIWAILHSENVRRGGEWIETRLLASGPRSNPWFQECGPRVCQRNEIISFDTD
LVGAYGICTDISRSWWIGDQKPRADMIYAMQHGVEHIRTNMEMLKPGVMIPELSANTHVLDAKFQKQKYGCLMHGVGLCD
EWPLVAYPDHAVAGAYDYPLEPGMTLCVEALISEEGGDFSIKLEDQVLITEDGYENLTKYPFDPALMGVE
;
_entity_poly.pdbx_strand_id   A
#
loop_
_chem_comp.id
_chem_comp.type
_chem_comp.name
_chem_comp.formula
FE non-polymer 'FE (III) ION' 'Fe 3'
#
# COMPACT_ATOMS: atom_id res chain seq x y z
N ARG A 32 -11.01 -0.52 31.80
CA ARG A 32 -11.80 0.28 30.81
C ARG A 32 -11.58 -0.26 29.41
N LYS A 33 -12.62 -0.90 28.85
CA LYS A 33 -12.50 -1.70 27.64
C LYS A 33 -12.91 -0.97 26.36
N ILE A 34 -12.27 -1.32 25.24
CA ILE A 34 -12.63 -0.78 23.91
C ILE A 34 -13.95 -1.42 23.46
N ASP A 35 -14.16 -2.66 23.87
CA ASP A 35 -15.40 -3.35 23.62
C ASP A 35 -15.83 -4.09 24.90
N PRO A 36 -16.54 -3.39 25.81
CA PRO A 36 -16.97 -4.01 27.08
C PRO A 36 -17.81 -5.27 26.82
N SER A 37 -18.45 -5.31 25.65
CA SER A 37 -19.17 -6.49 25.16
C SER A 37 -18.24 -7.58 24.62
N ARG A 38 -17.15 -7.87 25.34
CA ARG A 38 -16.14 -8.88 24.97
C ARG A 38 -15.13 -9.04 26.12
N GLY A 39 -14.33 -10.11 26.06
CA GLY A 39 -13.42 -10.47 27.14
C GLY A 39 -12.12 -9.71 27.16
N ALA A 40 -11.01 -10.43 27.35
CA ALA A 40 -9.68 -9.80 27.46
C ALA A 40 -9.16 -9.25 26.13
N THR A 41 -9.74 -9.73 25.02
CA THR A 41 -9.29 -9.35 23.70
C THR A 41 -10.42 -8.92 22.78
N LEU A 42 -10.04 -8.07 21.82
CA LEU A 42 -10.89 -7.76 20.68
C LEU A 42 -11.03 -8.97 19.78
N GLY A 43 -12.01 -8.95 18.88
CA GLY A 43 -12.21 -10.01 17.90
C GLY A 43 -11.01 -10.26 16.97
N ASP A 44 -10.04 -9.35 17.00
CA ASP A 44 -8.80 -9.53 16.23
C ASP A 44 -7.60 -9.95 17.09
N GLY A 45 -7.86 -10.22 18.37
CA GLY A 45 -6.84 -10.71 19.30
C GLY A 45 -6.04 -9.64 20.00
N SER A 46 -6.25 -8.38 19.61
CA SER A 46 -5.56 -7.28 20.25
C SER A 46 -6.15 -7.07 21.66
N PRO A 47 -5.41 -6.36 22.55
CA PRO A 47 -5.89 -6.18 23.92
C PRO A 47 -7.15 -5.33 24.00
N ASN A 48 -8.24 -5.90 24.51
CA ASN A 48 -9.42 -5.09 24.87
C ASN A 48 -9.14 -4.12 26.05
N ASP A 49 -8.41 -3.04 25.78
CA ASP A 49 -8.12 -2.02 26.78
C ASP A 49 -7.97 -0.67 26.06
N MET A 50 -8.85 0.28 26.41
CA MET A 50 -8.81 1.63 25.82
C MET A 50 -7.47 2.32 26.11
N ASN A 51 -6.81 1.94 27.20
CA ASN A 51 -5.52 2.52 27.56
C ASN A 51 -4.27 1.83 27.00
N ARG A 52 -4.45 0.84 26.12
CA ARG A 52 -3.33 0.08 25.51
C ARG A 52 -2.42 0.98 24.66
N VAL A 53 -1.14 0.60 24.52
CA VAL A 53 -0.22 1.28 23.59
C VAL A 53 -0.71 1.13 22.13
N GLU A 54 -1.05 -0.08 21.72
CA GLU A 54 -1.46 -0.39 20.35
C GLU A 54 -2.61 0.48 19.85
N ILE A 55 -2.51 0.89 18.59
CA ILE A 55 -3.64 1.51 17.93
C ILE A 55 -4.28 0.45 17.03
N GLY A 56 -5.20 0.87 16.18
CA GLY A 56 -5.88 -0.02 15.24
C GLY A 56 -7.22 0.60 14.89
N PRO A 57 -8.10 -0.18 14.28
CA PRO A 57 -9.41 0.35 13.89
C PRO A 57 -10.22 0.95 15.06
N THR A 58 -11.13 1.85 14.72
CA THR A 58 -11.96 2.51 15.72
C THR A 58 -13.26 1.73 15.94
N GLN A 59 -13.97 2.03 17.03
CA GLN A 59 -15.31 1.46 17.27
C GLN A 59 -16.18 1.67 16.03
N LEU A 60 -16.13 2.88 15.45
CA LEU A 60 -16.87 3.17 14.21
C LEU A 60 -16.61 2.11 13.13
N ALA A 61 -15.34 1.84 12.87
CA ALA A 61 -14.95 0.87 11.82
C ALA A 61 -15.36 -0.55 12.17
N PHE A 62 -15.13 -0.94 13.42
CA PHE A 62 -15.55 -2.26 13.89
C PHE A 62 -17.05 -2.44 13.73
N ALA A 63 -17.81 -1.41 14.06
CA ALA A 63 -19.28 -1.45 13.94
C ALA A 63 -19.75 -1.73 12.49
N GLU A 64 -19.15 -0.98 11.56
CA GLU A 64 -19.47 -1.09 10.14
C GLU A 64 -19.08 -2.43 9.56
N TRP A 65 -17.99 -3.00 10.07
CA TRP A 65 -17.54 -4.32 9.59
C TRP A 65 -18.38 -5.46 10.13
N HIS A 66 -18.76 -5.36 11.42
CA HIS A 66 -19.73 -6.30 12.00
C HIS A 66 -21.03 -6.32 11.19
N THR A 67 -21.54 -5.14 10.84
CA THR A 67 -22.75 -5.03 10.02
C THR A 67 -22.56 -5.66 8.63
N ALA A 68 -21.41 -5.38 8.01
CA ALA A 68 -21.08 -6.00 6.72
C ALA A 68 -20.73 -7.50 6.88
N ARG A 69 -20.70 -7.95 8.13
CA ARG A 69 -20.41 -9.36 8.46
C ARG A 69 -19.02 -9.81 7.97
N LEU A 70 -18.02 -8.95 8.18
CA LEU A 70 -16.64 -9.25 7.75
C LEU A 70 -15.87 -9.89 8.90
N ASP A 71 -15.26 -11.05 8.63
CA ASP A 71 -14.41 -11.71 9.62
C ASP A 71 -13.19 -10.82 9.91
N LEU A 72 -12.88 -10.63 11.19
CA LEU A 72 -11.69 -9.87 11.58
C LEU A 72 -10.39 -10.68 11.38
N PRO A 73 -9.26 -10.01 11.11
CA PRO A 73 -7.99 -10.72 11.05
C PRO A 73 -7.52 -11.08 12.47
N ASP A 74 -6.96 -12.27 12.63
CA ASP A 74 -6.24 -12.62 13.84
C ASP A 74 -4.86 -11.98 13.69
N LEU A 75 -4.60 -10.89 14.39
CA LEU A 75 -3.36 -10.14 14.19
C LEU A 75 -2.08 -10.92 14.52
N ALA A 76 -2.07 -11.64 15.64
CA ALA A 76 -0.95 -12.52 16.01
C ALA A 76 -0.60 -13.49 14.89
N ALA A 77 -1.61 -14.15 14.34
CA ALA A 77 -1.41 -15.09 13.26
C ALA A 77 -0.94 -14.40 11.98
N MET A 78 -1.46 -13.21 11.71
CA MET A 78 -1.08 -12.45 10.53
C MET A 78 0.41 -12.13 10.59
N ARG A 79 0.84 -11.66 11.76
CA ARG A 79 2.22 -11.29 12.05
C ARG A 79 3.20 -12.45 12.01
N ARG A 80 2.75 -13.63 12.44
CA ARG A 80 3.53 -14.87 12.37
C ARG A 80 3.70 -15.32 10.92
N PHE A 81 2.59 -15.33 10.18
CA PHE A 81 2.61 -15.60 8.74
C PHE A 81 3.63 -14.73 7.96
N ARG A 82 3.60 -13.42 8.20
CA ARG A 82 4.51 -12.51 7.53
C ARG A 82 5.97 -12.80 7.90
N HIS A 83 6.20 -13.06 9.17
CA HIS A 83 7.54 -13.35 9.65
C HIS A 83 8.04 -14.70 9.10
N ARG A 84 7.18 -15.72 9.10
CA ARG A 84 7.57 -17.02 8.55
C ARG A 84 7.91 -16.90 7.07
N ARG A 85 7.03 -16.29 6.30
CA ARG A 85 7.28 -16.03 4.88
C ARG A 85 8.55 -15.21 4.62
N LEU A 86 8.74 -14.10 5.33
CA LEU A 86 9.93 -13.27 5.14
C LEU A 86 11.20 -14.07 5.47
N THR A 87 11.18 -14.77 6.61
CA THR A 87 12.28 -15.65 7.01
C THR A 87 12.56 -16.72 5.95
N ASP A 88 11.52 -17.35 5.41
CA ASP A 88 11.70 -18.35 4.36
C ASP A 88 12.40 -17.77 3.12
N HIS A 89 12.07 -16.53 2.78
CA HIS A 89 12.67 -15.86 1.64
C HIS A 89 14.18 -15.62 1.86
N VAL A 90 14.54 -15.19 3.06
CA VAL A 90 15.95 -14.99 3.41
C VAL A 90 16.71 -16.31 3.26
N VAL A 91 16.11 -17.38 3.74
CA VAL A 91 16.75 -18.70 3.75
C VAL A 91 16.84 -19.33 2.35
N ALA A 92 15.77 -19.24 1.58
CA ALA A 92 15.79 -19.70 0.18
C ALA A 92 16.93 -19.07 -0.61
N ARG A 93 17.32 -17.84 -0.25
CA ARG A 93 18.36 -17.15 -0.98
C ARG A 93 19.76 -17.43 -0.46
N GLY A 94 19.84 -18.11 0.68
CA GLY A 94 21.12 -18.39 1.31
C GLY A 94 21.76 -17.17 1.96
N TYR A 95 20.94 -16.21 2.36
CA TYR A 95 21.43 -14.99 2.97
C TYR A 95 21.60 -15.14 4.48
N ALA A 96 22.47 -14.31 5.06
CA ALA A 96 22.63 -14.22 6.52
C ALA A 96 21.40 -13.57 7.13
N GLY A 97 20.91 -12.53 6.47
CA GLY A 97 19.76 -11.79 6.99
C GLY A 97 19.30 -10.68 6.07
N LEU A 98 18.30 -9.95 6.52
CA LEU A 98 17.66 -8.87 5.77
C LEU A 98 17.52 -7.71 6.73
N LEU A 99 18.14 -6.59 6.38
CA LEU A 99 18.16 -5.38 7.19
C LEU A 99 17.27 -4.36 6.50
N MET A 100 16.25 -3.86 7.21
CA MET A 100 15.25 -3.00 6.59
C MET A 100 15.16 -1.64 7.23
N PHE A 101 15.27 -0.60 6.42
CA PHE A 101 15.15 0.79 6.87
C PHE A 101 13.90 1.47 6.28
N ASP A 102 13.30 0.87 5.25
CA ASP A 102 12.04 1.37 4.69
C ASP A 102 10.93 1.10 5.73
N PRO A 103 10.22 2.16 6.20
CA PRO A 103 9.09 2.04 7.12
C PRO A 103 8.03 1.02 6.68
N LEU A 104 7.81 0.86 5.38
CA LEU A 104 6.79 -0.07 4.95
C LEU A 104 7.26 -1.51 5.02
N ASN A 105 8.56 -1.71 4.83
CA ASN A 105 9.15 -3.03 5.02
C ASN A 105 9.20 -3.42 6.50
N ILE A 106 9.58 -2.45 7.33
CA ILE A 106 9.52 -2.58 8.78
C ILE A 106 8.12 -2.95 9.26
N ARG A 107 7.11 -2.30 8.66
CA ARG A 107 5.72 -2.61 8.98
C ARG A 107 5.40 -4.04 8.61
N TYR A 108 5.84 -4.47 7.43
CA TYR A 108 5.56 -5.81 6.99
C TYR A 108 6.14 -6.85 7.93
N ALA A 109 7.34 -6.56 8.45
CA ALA A 109 8.09 -7.54 9.21
C ALA A 109 7.64 -7.56 10.67
N THR A 110 7.19 -6.41 11.17
CA THR A 110 6.94 -6.24 12.61
C THR A 110 5.54 -5.74 12.96
N ASP A 111 4.84 -5.17 11.96
CA ASP A 111 3.53 -4.52 12.13
C ASP A 111 3.55 -3.34 13.09
N SER A 112 4.75 -2.86 13.44
CA SER A 112 4.88 -1.73 14.36
C SER A 112 5.07 -0.42 13.62
N THR A 113 4.25 0.58 13.95
CA THR A 113 4.36 1.91 13.37
C THR A 113 5.06 2.84 14.36
N ASN A 114 5.76 3.84 13.83
CA ASN A 114 6.30 4.91 14.65
C ASN A 114 6.61 6.09 13.75
N MET A 115 5.82 7.15 13.88
CA MET A 115 5.98 8.34 13.05
C MET A 115 6.25 7.91 11.59
N GLN A 116 5.38 7.07 11.04
CA GLN A 116 5.61 6.45 9.74
C GLN A 116 6.05 7.46 8.68
N LEU A 117 5.33 8.57 8.53
CA LEU A 117 5.63 9.52 7.46
C LEU A 117 6.95 10.24 7.66
N TRP A 118 7.23 10.68 8.88
CA TRP A 118 8.56 11.19 9.25
C TRP A 118 9.67 10.16 8.90
N ASN A 119 9.37 8.88 9.11
CA ASN A 119 10.33 7.80 8.94
C ASN A 119 10.67 7.55 7.47
N THR A 120 9.69 7.71 6.57
CA THR A 120 9.94 7.53 5.13
C THR A 120 11.09 8.37 4.58
N HIS A 121 11.38 9.50 5.21
CA HIS A 121 12.46 10.37 4.72
C HIS A 121 13.50 10.77 5.79
N ASN A 122 13.33 10.29 7.01
CA ASN A 122 14.37 10.37 8.03
C ASN A 122 14.59 8.95 8.60
N PRO A 123 15.62 8.23 8.11
CA PRO A 123 15.69 6.80 8.45
C PRO A 123 16.23 6.56 9.87
N PHE A 124 15.38 6.71 10.88
CA PHE A 124 15.80 6.50 12.27
C PHE A 124 15.62 5.05 12.77
N ARG A 125 14.85 4.25 12.04
CA ARG A 125 14.52 2.87 12.43
C ARG A 125 15.27 1.84 11.60
N ALA A 126 15.50 0.66 12.18
CA ALA A 126 15.93 -0.51 11.43
C ALA A 126 15.42 -1.79 12.05
N THR A 127 15.09 -2.75 11.20
CA THR A 127 14.75 -4.08 11.64
C THR A 127 15.67 -5.06 10.95
N LEU A 128 16.31 -5.92 11.75
CA LEU A 128 17.10 -7.04 11.25
C LEU A 128 16.31 -8.33 11.39
N LEU A 129 16.19 -9.05 10.28
CA LEU A 129 15.69 -10.41 10.30
C LEU A 129 16.84 -11.37 9.97
N CYS A 130 17.27 -12.14 10.98
CA CYS A 130 18.32 -13.15 10.83
C CYS A 130 17.78 -14.39 10.15
N ALA A 131 18.66 -15.15 9.51
CA ALA A 131 18.26 -16.38 8.83
C ALA A 131 17.56 -17.41 9.73
N ASP A 132 17.81 -17.37 11.04
CA ASP A 132 17.14 -18.31 11.94
C ASP A 132 15.76 -17.84 12.39
N GLY A 133 15.36 -16.62 12.01
CA GLY A 133 14.04 -16.12 12.41
C GLY A 133 14.14 -15.04 13.47
N TYR A 134 15.31 -14.94 14.09
CA TYR A 134 15.56 -13.96 15.13
C TYR A 134 15.47 -12.54 14.57
N MET A 135 14.76 -11.66 15.27
CA MET A 135 14.43 -10.33 14.74
C MET A 135 14.67 -9.26 15.78
N VAL A 136 15.41 -8.23 15.38
CA VAL A 136 15.78 -7.12 16.24
C VAL A 136 15.28 -5.79 15.64
N MET A 137 14.75 -4.90 16.49
CA MET A 137 14.37 -3.55 16.10
C MET A 137 15.25 -2.49 16.74
N TRP A 138 15.88 -1.63 15.92
CA TRP A 138 16.49 -0.40 16.42
C TRP A 138 15.45 0.68 16.23
N ASP A 139 14.98 1.23 17.33
CA ASP A 139 13.89 2.18 17.27
C ASP A 139 14.41 3.54 17.73
N TYR A 140 13.59 4.58 17.57
CA TYR A 140 13.93 5.88 18.08
C TYR A 140 14.33 5.75 19.56
N LYS A 141 15.37 6.50 19.96
CA LYS A 141 16.02 6.37 21.27
C LYS A 141 15.07 6.38 22.45
N ASN A 142 14.01 7.19 22.34
CA ASN A 142 13.07 7.32 23.44
C ASN A 142 11.69 6.67 23.23
N SER A 143 11.61 5.68 22.35
CA SER A 143 10.36 4.92 22.16
C SER A 143 10.53 3.43 21.92
N PRO A 144 11.36 2.76 22.75
CA PRO A 144 11.55 1.31 22.52
C PRO A 144 10.27 0.49 22.71
N PHE A 145 9.29 1.02 23.44
CA PHE A 145 8.07 0.25 23.75
C PHE A 145 7.14 0.00 22.58
N LEU A 146 7.31 0.75 21.49
CA LEU A 146 6.36 0.69 20.39
C LEU A 146 6.19 -0.67 19.74
N SER A 147 7.25 -1.47 19.70
CA SER A 147 7.19 -2.82 19.09
C SER A 147 7.03 -3.96 20.11
N GLU A 148 6.85 -3.64 21.39
CA GLU A 148 6.72 -4.68 22.42
C GLU A 148 5.52 -5.60 22.24
N PHE A 149 4.40 -5.05 21.78
CA PHE A 149 3.22 -5.88 21.46
C PHE A 149 3.50 -7.03 20.48
N ASN A 150 4.63 -7.00 19.76
CA ASN A 150 4.98 -8.11 18.87
C ASN A 150 6.21 -8.87 19.36
N PRO A 151 5.99 -9.96 20.12
CA PRO A 151 7.04 -10.77 20.73
C PRO A 151 7.97 -11.41 19.68
N LEU A 152 7.58 -11.39 18.40
CA LEU A 152 8.51 -11.80 17.34
C LEU A 152 9.69 -10.84 17.21
N VAL A 153 9.49 -9.59 17.63
CA VAL A 153 10.59 -8.65 17.81
C VAL A 153 11.25 -8.97 19.15
N ARG A 154 12.42 -9.57 19.08
CA ARG A 154 13.08 -10.16 20.23
C ARG A 154 13.85 -9.17 21.06
N GLU A 155 14.29 -8.09 20.43
CA GLU A 155 15.04 -7.05 21.10
C GLU A 155 14.63 -5.70 20.57
N GLN A 156 14.75 -4.67 21.40
CA GLN A 156 14.56 -3.31 21.01
C GLN A 156 15.83 -2.55 21.36
N ARG A 157 16.52 -2.00 20.37
CA ARG A 157 17.72 -1.20 20.64
C ARG A 157 17.55 0.24 20.11
N ALA A 158 18.59 1.06 20.17
CA ALA A 158 18.58 2.38 19.55
C ALA A 158 19.86 2.59 18.71
N GLY A 159 19.95 3.72 18.02
CA GLY A 159 21.18 4.11 17.31
C GLY A 159 21.39 3.65 15.87
N ALA A 160 20.31 3.25 15.20
CA ALA A 160 20.40 2.95 13.76
C ALA A 160 20.16 4.18 12.88
N ASP A 161 20.14 5.35 13.50
CA ASP A 161 19.81 6.61 12.82
C ASP A 161 21.07 7.28 12.29
N LEU A 162 21.36 7.01 11.03
CA LEU A 162 22.64 7.35 10.42
C LEU A 162 22.50 8.42 9.34
N PHE A 163 21.83 9.51 9.68
CA PHE A 163 21.69 10.61 8.74
C PHE A 163 22.11 11.92 9.39
N TYR A 164 22.36 12.91 8.55
CA TYR A 164 22.99 14.16 8.97
C TYR A 164 22.17 14.98 9.98
N PHE A 165 20.85 14.93 9.86
CA PHE A 165 19.99 15.67 10.80
C PHE A 165 20.17 15.13 12.22
N ASP A 166 20.16 13.80 12.35
CA ASP A 166 20.22 13.14 13.65
C ASP A 166 21.61 13.09 14.24
N ARG A 167 22.67 13.22 13.41
CA ARG A 167 24.02 13.03 13.94
C ARG A 167 25.08 14.05 13.53
N GLY A 168 24.74 14.97 12.63
CA GLY A 168 25.67 16.02 12.21
C GLY A 168 26.93 15.46 11.60
N ASP A 169 28.07 16.04 11.95
CA ASP A 169 29.36 15.61 11.43
C ASP A 169 29.94 14.34 12.07
N LYS A 170 29.10 13.67 12.86
CA LYS A 170 29.51 12.49 13.62
C LYS A 170 28.67 11.25 13.29
N VAL A 171 28.29 11.07 12.03
CA VAL A 171 27.57 9.86 11.59
C VAL A 171 28.44 8.58 11.58
N ASP A 172 29.72 8.70 11.20
CA ASP A 172 30.59 7.53 11.04
C ASP A 172 30.81 6.68 12.30
N VAL A 173 31.10 7.36 13.40
CA VAL A 173 31.27 6.69 14.69
C VAL A 173 30.06 5.79 14.98
N ALA A 174 28.87 6.31 14.73
CA ALA A 174 27.64 5.59 15.02
C ALA A 174 27.38 4.49 14.01
N ALA A 175 27.78 4.74 12.77
CA ALA A 175 27.66 3.76 11.71
C ALA A 175 28.47 2.49 12.05
N ASP A 176 29.66 2.69 12.61
CA ASP A 176 30.52 1.56 13.00
C ASP A 176 29.99 0.81 14.20
N VAL A 177 29.44 1.53 15.17
CA VAL A 177 28.81 0.90 16.32
C VAL A 177 27.68 -0.01 15.85
N PHE A 178 26.75 0.54 15.07
CA PHE A 178 25.62 -0.19 14.53
C PHE A 178 26.01 -1.43 13.72
N ALA A 179 27.04 -1.28 12.87
CA ALA A 179 27.44 -2.33 11.93
C ALA A 179 28.06 -3.53 12.63
N ASN A 180 28.80 -3.23 13.69
CA ASN A 180 29.36 -4.23 14.60
C ASN A 180 28.28 -5.01 15.31
N GLU A 181 27.24 -4.29 15.77
CA GLU A 181 26.08 -4.95 16.36
C GLU A 181 25.48 -5.93 15.37
N VAL A 182 25.35 -5.52 14.13
CA VAL A 182 24.77 -6.38 13.12
C VAL A 182 25.65 -7.60 12.90
N ARG A 183 26.95 -7.37 12.76
CA ARG A 183 27.93 -8.45 12.62
C ARG A 183 27.81 -9.49 13.74
N ILE A 184 27.79 -9.02 14.99
CA ILE A 184 27.68 -9.90 16.15
C ILE A 184 26.39 -10.70 16.15
N LEU A 185 25.27 -10.05 15.87
CA LEU A 185 23.99 -10.74 15.79
C LEU A 185 23.98 -11.87 14.77
N LEU A 186 24.59 -11.64 13.62
CA LEU A 186 24.55 -12.63 12.55
C LEU A 186 25.64 -13.70 12.69
N ARG A 187 26.74 -13.38 13.39
CA ARG A 187 27.65 -14.43 13.87
C ARG A 187 26.91 -15.46 14.71
N ASP A 188 26.05 -14.98 15.61
CA ASP A 188 25.24 -15.85 16.48
C ASP A 188 24.04 -16.51 15.78
N HIS A 189 23.31 -15.75 14.96
CA HIS A 189 22.06 -16.25 14.42
C HIS A 189 22.15 -16.70 12.98
N ALA A 190 23.28 -16.41 12.33
CA ALA A 190 23.52 -16.89 10.96
C ALA A 190 25.02 -17.19 10.75
N PRO A 191 25.58 -18.08 11.60
CA PRO A 191 27.03 -18.30 11.58
C PRO A 191 27.55 -18.68 10.21
N GLY A 192 28.62 -18.01 9.79
CA GLY A 192 29.30 -18.35 8.53
C GLY A 192 28.66 -17.79 7.27
N LEU A 193 27.61 -17.00 7.42
CA LEU A 193 26.96 -16.37 6.25
C LEU A 193 27.36 -14.90 6.10
N ARG A 194 27.77 -14.49 4.89
CA ARG A 194 28.30 -13.15 4.62
C ARG A 194 27.31 -12.22 3.90
N ARG A 195 26.24 -12.77 3.34
CA ARG A 195 25.34 -11.98 2.51
C ARG A 195 24.19 -11.36 3.27
N LEU A 196 24.17 -10.03 3.28
CA LEU A 196 23.17 -9.25 3.99
C LEU A 196 22.38 -8.43 2.97
N ALA A 197 21.13 -8.82 2.75
CA ALA A 197 20.19 -8.04 1.96
C ALA A 197 19.82 -6.80 2.76
N VAL A 198 19.84 -5.64 2.10
CA VAL A 198 19.50 -4.36 2.70
C VAL A 198 18.50 -3.69 1.73
N ASP A 199 17.39 -3.15 2.23
CA ASP A 199 16.39 -2.59 1.30
C ASP A 199 16.85 -1.26 0.71
N LYS A 200 17.22 -0.35 1.60
CA LYS A 200 17.81 0.92 1.27
C LYS A 200 18.59 1.39 2.49
N VAL A 201 19.78 1.94 2.29
CA VAL A 201 20.60 2.39 3.41
C VAL A 201 21.40 3.63 3.02
N MET A 202 21.64 4.50 4.02
CA MET A 202 22.50 5.66 3.84
C MET A 202 23.95 5.25 3.55
N LEU A 203 24.61 5.98 2.67
CA LEU A 203 26.00 5.70 2.26
C LEU A 203 26.98 5.34 3.41
N HIS A 204 26.94 6.10 4.50
CA HIS A 204 27.80 5.84 5.66
C HIS A 204 27.52 4.48 6.29
N GLY A 205 26.24 4.13 6.35
CA GLY A 205 25.81 2.83 6.86
C GLY A 205 26.29 1.72 5.95
N LEU A 206 26.10 1.88 4.65
CA LEU A 206 26.59 0.94 3.66
C LEU A 206 28.08 0.62 3.83
N ARG A 207 28.93 1.66 3.93
CA ARG A 207 30.36 1.43 4.00
C ARG A 207 30.77 0.75 5.31
N ALA A 208 30.09 1.11 6.42
CA ALA A 208 30.34 0.49 7.73
C ALA A 208 30.00 -0.98 7.68
N LEU A 209 28.86 -1.32 7.10
CA LEU A 209 28.47 -2.70 6.93
C LEU A 209 29.46 -3.48 6.05
N GLN A 210 29.88 -2.90 4.93
CA GLN A 210 30.89 -3.52 4.07
C GLN A 210 32.23 -3.74 4.82
N ALA A 211 32.63 -2.78 5.64
CA ALA A 211 33.87 -2.88 6.41
C ALA A 211 33.85 -3.98 7.48
N GLN A 212 32.66 -4.48 7.80
CA GLN A 212 32.51 -5.63 8.69
C GLN A 212 32.57 -6.95 7.92
N GLY A 213 32.62 -6.87 6.59
CA GLY A 213 32.78 -8.06 5.75
C GLY A 213 31.51 -8.55 5.09
N PHE A 214 30.43 -7.80 5.19
CA PHE A 214 29.17 -8.23 4.59
C PHE A 214 29.12 -8.00 3.08
N GLU A 215 28.60 -8.99 2.35
CA GLU A 215 28.28 -8.75 0.95
C GLU A 215 26.85 -8.19 0.92
N ILE A 216 26.68 -6.95 0.51
CA ILE A 216 25.37 -6.31 0.52
C ILE A 216 24.51 -6.72 -0.69
N MET A 217 23.36 -7.33 -0.44
CA MET A 217 22.43 -7.71 -1.51
C MET A 217 21.20 -6.78 -1.55
N ASP A 218 20.50 -6.81 -2.68
CA ASP A 218 19.25 -6.05 -2.84
C ASP A 218 18.15 -6.59 -1.87
N GLY A 219 17.84 -5.81 -0.84
CA GLY A 219 16.74 -6.17 0.07
C GLY A 219 15.34 -6.09 -0.52
N GLU A 220 15.12 -5.16 -1.44
CA GLU A 220 13.78 -4.99 -2.02
CA GLU A 220 13.79 -4.98 -2.05
C GLU A 220 13.29 -6.17 -2.86
N GLU A 221 14.20 -6.89 -3.50
CA GLU A 221 13.83 -8.12 -4.22
C GLU A 221 13.33 -9.16 -3.23
N VAL A 222 13.91 -9.19 -2.03
CA VAL A 222 13.44 -10.06 -0.96
C VAL A 222 12.07 -9.60 -0.45
N THR A 223 11.95 -8.36 -0.02
CA THR A 223 10.72 -7.88 0.63
C THR A 223 9.52 -7.81 -0.32
N GLU A 224 9.76 -7.34 -1.55
CA GLU A 224 8.70 -7.25 -2.54
C GLU A 224 8.12 -8.61 -2.87
N LYS A 225 9.00 -9.60 -3.01
CA LYS A 225 8.53 -10.97 -3.26
C LYS A 225 7.86 -11.61 -2.05
N ALA A 226 8.33 -11.30 -0.85
CA ALA A 226 7.64 -11.78 0.35
C ALA A 226 6.26 -11.11 0.44
N ARG A 227 6.23 -9.80 0.26
CA ARG A 227 4.96 -9.07 0.38
C ARG A 227 3.94 -9.44 -0.69
N SER A 228 4.45 -10.04 -1.76
CA SER A 228 3.69 -10.40 -2.94
C SER A 228 2.51 -11.37 -2.70
N VAL A 229 2.62 -12.22 -1.69
CA VAL A 229 1.58 -13.20 -1.41
C VAL A 229 1.04 -12.97 -0.02
N LYS A 230 -0.27 -12.73 0.09
CA LYS A 230 -0.95 -12.52 1.37
C LYS A 230 -1.49 -13.82 1.97
N GLY A 231 -1.35 -13.97 3.29
CA GLY A 231 -1.97 -15.11 3.98
C GLY A 231 -3.43 -14.88 4.34
N PRO A 232 -4.11 -15.92 4.90
CA PRO A 232 -5.53 -15.83 5.23
C PRO A 232 -5.91 -14.61 6.07
N ASP A 233 -5.07 -14.20 7.02
CA ASP A 233 -5.42 -13.04 7.83
C ASP A 233 -5.13 -11.72 7.18
N GLU A 234 -4.10 -11.70 6.31
CA GLU A 234 -3.88 -10.50 5.51
C GLU A 234 -5.08 -10.25 4.59
N ILE A 235 -5.67 -11.32 4.04
CA ILE A 235 -6.87 -11.21 3.19
C ILE A 235 -8.02 -10.59 3.98
N ARG A 236 -8.30 -11.16 5.16
CA ARG A 236 -9.35 -10.64 6.04
C ARG A 236 -9.10 -9.17 6.32
N ALA A 237 -7.85 -8.83 6.64
CA ALA A 237 -7.50 -7.44 6.91
C ALA A 237 -7.82 -6.54 5.71
N MET A 238 -7.47 -6.99 4.51
CA MET A 238 -7.68 -6.18 3.33
C MET A 238 -9.18 -5.97 3.05
N ARG A 239 -9.96 -7.04 3.19
CA ARG A 239 -11.42 -6.93 3.16
C ARG A 239 -11.93 -5.84 4.10
N CYS A 240 -11.39 -5.81 5.31
CA CYS A 240 -11.81 -4.78 6.28
C CYS A 240 -11.39 -3.39 5.81
N ALA A 241 -10.13 -3.24 5.43
CA ALA A 241 -9.60 -1.93 5.01
C ALA A 241 -10.35 -1.39 3.78
N SER A 242 -10.58 -2.26 2.81
CA SER A 242 -11.28 -1.95 1.56
C SER A 242 -12.67 -1.38 1.87
N HIS A 243 -13.44 -2.07 2.73
CA HIS A 243 -14.74 -1.58 3.19
C HIS A 243 -14.64 -0.20 3.84
N ALA A 244 -13.68 -0.01 4.75
CA ALA A 244 -13.55 1.28 5.42
C ALA A 244 -13.28 2.38 4.38
N CYS A 245 -12.42 2.08 3.40
CA CYS A 245 -12.07 3.02 2.34
C CYS A 245 -13.31 3.38 1.50
N GLU A 246 -14.03 2.37 1.04
CA GLU A 246 -15.29 2.58 0.33
C GLU A 246 -16.32 3.44 1.09
N VAL A 247 -16.50 3.20 2.39
CA VAL A 247 -17.39 4.05 3.18
C VAL A 247 -16.89 5.50 3.20
N ALA A 248 -15.57 5.68 3.33
CA ALA A 248 -15.00 7.03 3.31
C ALA A 248 -15.19 7.72 1.94
N VAL A 249 -15.01 6.97 0.86
CA VAL A 249 -15.26 7.47 -0.49
C VAL A 249 -16.72 7.90 -0.67
N ARG A 250 -17.67 7.06 -0.24
CA ARG A 250 -19.11 7.41 -0.26
C ARG A 250 -19.39 8.71 0.48
N LYS A 251 -18.76 8.87 1.64
CA LYS A 251 -18.88 10.11 2.38
C LYS A 251 -18.36 11.31 1.61
N MET A 252 -17.27 11.10 0.87
CA MET A 252 -16.74 12.13 0.00
C MET A 252 -17.71 12.44 -1.16
N GLU A 253 -18.26 11.40 -1.78
CA GLU A 253 -19.29 11.56 -2.81
C GLU A 253 -20.53 12.30 -2.30
N ASP A 254 -21.10 11.86 -1.18
CA ASP A 254 -22.22 12.56 -0.55
C ASP A 254 -21.96 14.06 -0.49
N PHE A 255 -20.81 14.43 0.06
CA PHE A 255 -20.40 15.82 0.24
C PHE A 255 -20.21 16.58 -1.10
N ALA A 256 -19.64 15.89 -2.09
CA ALA A 256 -19.41 16.52 -3.38
C ALA A 256 -20.73 16.82 -4.11
N ARG A 257 -21.59 15.81 -4.19
CA ARG A 257 -22.86 15.89 -4.89
C ARG A 257 -23.82 16.87 -4.24
N SER A 258 -23.57 17.15 -2.96
CA SER A 258 -24.40 18.06 -2.19
C SER A 258 -23.90 19.50 -2.18
N LYS A 259 -22.58 19.69 -2.40
CA LYS A 259 -21.98 21.03 -2.35
C LYS A 259 -21.56 21.66 -3.70
N VAL A 260 -21.16 20.84 -4.67
CA VAL A 260 -20.63 21.34 -5.95
C VAL A 260 -21.69 22.22 -6.63
N GLY A 261 -21.30 23.47 -6.91
CA GLY A 261 -22.20 24.45 -7.52
C GLY A 261 -22.38 25.65 -6.61
N ASP A 262 -21.98 25.51 -5.35
CA ASP A 262 -22.11 26.59 -4.39
C ASP A 262 -21.10 27.72 -4.62
N GLY A 263 -20.20 27.54 -5.59
CA GLY A 263 -19.20 28.57 -5.93
C GLY A 263 -18.08 28.80 -4.92
N VAL A 264 -17.94 27.91 -3.93
CA VAL A 264 -16.82 27.99 -2.98
C VAL A 264 -16.09 26.66 -2.73
N THR A 265 -16.81 25.56 -2.86
CA THR A 265 -16.28 24.24 -2.56
C THR A 265 -15.23 23.86 -3.60
N CYS A 266 -13.98 23.74 -3.15
CA CYS A 266 -12.86 23.42 -4.04
C CYS A 266 -12.46 21.96 -4.00
N GLU A 267 -11.52 21.58 -4.86
CA GLU A 267 -11.03 20.21 -4.94
C GLU A 267 -10.54 19.75 -3.56
N ASN A 268 -9.80 20.63 -2.88
CA ASN A 268 -9.28 20.37 -1.55
C ASN A 268 -10.36 20.15 -0.47
N ASP A 269 -11.46 20.89 -0.57
CA ASP A 269 -12.58 20.74 0.37
C ASP A 269 -13.15 19.34 0.29
N ILE A 270 -13.36 18.87 -0.95
CA ILE A 270 -13.91 17.55 -1.22
C ILE A 270 -12.96 16.46 -0.74
N TRP A 271 -11.68 16.63 -1.10
CA TRP A 271 -10.64 15.65 -0.83
C TRP A 271 -10.46 15.49 0.66
N ALA A 272 -10.54 16.61 1.39
CA ALA A 272 -10.56 16.63 2.85
C ALA A 272 -11.52 15.63 3.52
N ILE A 273 -12.69 15.41 2.93
CA ILE A 273 -13.59 14.37 3.43
C ILE A 273 -12.94 12.97 3.43
N LEU A 274 -12.15 12.66 2.41
CA LEU A 274 -11.47 11.36 2.37
C LEU A 274 -10.39 11.25 3.45
N HIS A 275 -9.62 12.32 3.66
CA HIS A 275 -8.67 12.39 4.76
C HIS A 275 -9.33 12.13 6.13
N SER A 276 -10.34 12.93 6.49
CA SER A 276 -11.04 12.82 7.77
C SER A 276 -11.65 11.42 7.99
N GLU A 277 -12.44 10.97 7.01
CA GLU A 277 -13.18 9.73 7.15
C GLU A 277 -12.30 8.46 7.15
N ASN A 278 -11.12 8.55 6.55
CA ASN A 278 -10.13 7.48 6.65
C ASN A 278 -9.55 7.44 8.07
N VAL A 279 -9.16 8.60 8.58
CA VAL A 279 -8.63 8.70 9.93
C VAL A 279 -9.65 8.25 11.00
N ARG A 280 -10.91 8.66 10.84
CA ARG A 280 -11.98 8.27 11.77
C ARG A 280 -12.20 6.76 11.82
N ARG A 281 -11.64 6.04 10.83
CA ARG A 281 -11.74 4.58 10.80
C ARG A 281 -10.39 3.91 11.09
N GLY A 282 -9.44 4.69 11.55
CA GLY A 282 -8.11 4.15 11.88
C GLY A 282 -7.13 4.03 10.72
N GLY A 283 -7.44 4.71 9.61
CA GLY A 283 -6.51 4.80 8.48
C GLY A 283 -5.26 5.60 8.83
N GLU A 284 -4.29 5.59 7.92
CA GLU A 284 -2.98 6.22 8.23
C GLU A 284 -2.62 7.42 7.39
N TRP A 285 -2.71 7.30 6.05
CA TRP A 285 -2.40 8.45 5.18
C TRP A 285 -2.83 8.21 3.73
N ILE A 286 -2.56 9.23 2.91
CA ILE A 286 -2.92 9.19 1.49
C ILE A 286 -1.64 9.44 0.71
N GLU A 287 -1.29 8.52 -0.19
CA GLU A 287 0.04 8.55 -0.86
C GLU A 287 0.19 9.66 -1.93
N THR A 288 -0.92 10.08 -2.53
CA THR A 288 -0.83 11.01 -3.66
C THR A 288 -1.74 12.21 -3.45
N ARG A 289 -1.89 13.07 -4.46
CA ARG A 289 -2.92 14.13 -4.47
C ARG A 289 -3.81 13.99 -5.70
N LEU A 290 -4.17 12.76 -6.02
CA LEU A 290 -4.83 12.48 -7.28
C LEU A 290 -6.34 12.60 -7.19
N LEU A 291 -6.79 13.85 -7.10
CA LEU A 291 -8.19 14.24 -7.28
C LEU A 291 -8.19 15.49 -8.15
N ALA A 292 -8.93 15.45 -9.26
CA ALA A 292 -8.87 16.55 -10.20
C ALA A 292 -10.21 16.81 -10.86
N SER A 293 -10.53 18.10 -10.93
CA SER A 293 -11.85 18.53 -11.41
C SER A 293 -11.77 19.29 -12.75
N GLY A 294 -12.77 19.01 -13.59
CA GLY A 294 -12.95 19.76 -14.83
C GLY A 294 -11.84 19.50 -15.83
N PRO A 295 -11.27 20.57 -16.40
CA PRO A 295 -10.14 20.43 -17.36
C PRO A 295 -8.81 20.01 -16.70
N ARG A 296 -8.73 20.13 -15.38
CA ARG A 296 -7.53 19.76 -14.63
C ARG A 296 -7.28 18.25 -14.56
N SER A 297 -8.17 17.46 -15.15
CA SER A 297 -8.02 16.00 -15.12
C SER A 297 -7.38 15.40 -16.39
N ASN A 298 -6.99 16.28 -17.33
CA ASN A 298 -6.34 15.90 -18.58
C ASN A 298 -5.36 17.01 -18.96
N PRO A 299 -4.05 16.74 -18.90
CA PRO A 299 -3.44 15.44 -18.60
C PRO A 299 -3.63 15.01 -17.15
N TRP A 300 -3.58 13.69 -16.94
CA TRP A 300 -3.66 13.09 -15.63
C TRP A 300 -2.37 13.33 -14.85
N PHE A 301 -2.47 13.23 -13.52
CA PHE A 301 -1.37 13.45 -12.55
C PHE A 301 -1.27 14.89 -12.09
N GLN A 302 -2.17 15.75 -12.57
CA GLN A 302 -2.31 17.07 -11.96
C GLN A 302 -2.87 16.86 -10.54
N GLU A 303 -2.52 17.74 -9.61
CA GLU A 303 -2.79 17.47 -8.21
C GLU A 303 -4.03 18.19 -7.67
N CYS A 304 -4.63 17.60 -6.65
CA CYS A 304 -5.74 18.21 -5.95
C CYS A 304 -5.31 19.55 -5.38
N GLY A 305 -6.14 20.59 -5.61
CA GLY A 305 -5.83 21.92 -5.12
C GLY A 305 -7.03 22.86 -4.93
N PRO A 306 -6.79 24.17 -5.09
CA PRO A 306 -7.76 25.22 -4.77
C PRO A 306 -8.85 25.50 -5.82
N ARG A 307 -8.89 24.77 -6.93
CA ARG A 307 -9.86 25.07 -7.98
C ARG A 307 -11.30 24.88 -7.46
N VAL A 308 -12.11 25.92 -7.52
CA VAL A 308 -13.51 25.79 -7.10
C VAL A 308 -14.23 24.93 -8.14
N CYS A 309 -14.75 23.79 -7.71
CA CYS A 309 -15.46 22.84 -8.59
C CYS A 309 -16.78 23.42 -9.12
N GLN A 310 -17.32 22.82 -10.18
CA GLN A 310 -18.50 23.35 -10.87
C GLN A 310 -19.41 22.26 -11.37
N ARG A 311 -20.70 22.59 -11.43
CA ARG A 311 -21.72 21.70 -11.96
C ARG A 311 -21.40 21.36 -13.38
N ASN A 312 -21.83 20.18 -13.80
CA ASN A 312 -21.64 19.72 -15.14
C ASN A 312 -20.14 19.58 -15.50
N GLU A 313 -19.38 19.05 -14.52
CA GLU A 313 -17.97 18.68 -14.72
C GLU A 313 -17.71 17.30 -14.13
N ILE A 314 -16.78 16.59 -14.75
CA ILE A 314 -16.25 15.36 -14.19
C ILE A 314 -15.24 15.70 -13.11
N ILE A 315 -15.35 14.99 -11.99
CA ILE A 315 -14.29 14.88 -11.00
C ILE A 315 -13.76 13.46 -11.08
N SER A 316 -12.46 13.34 -11.29
CA SER A 316 -11.78 12.04 -11.30
C SER A 316 -10.75 11.99 -10.18
N PHE A 317 -10.65 10.83 -9.53
CA PHE A 317 -9.79 10.67 -8.36
C PHE A 317 -9.33 9.23 -8.22
N ASP A 318 -8.27 9.04 -7.45
CA ASP A 318 -7.66 7.75 -7.16
C ASP A 318 -7.39 7.79 -5.64
N THR A 319 -7.91 6.83 -4.88
CA THR A 319 -7.75 6.87 -3.40
C THR A 319 -6.30 6.79 -2.94
N ASP A 320 -5.50 5.93 -3.61
CA ASP A 320 -4.09 5.63 -3.23
C ASP A 320 -3.91 5.68 -1.71
N LEU A 321 -4.67 4.85 -1.01
CA LEU A 321 -4.94 5.13 0.41
C LEU A 321 -4.39 4.06 1.36
N VAL A 322 -3.69 4.49 2.39
CA VAL A 322 -3.24 3.58 3.45
C VAL A 322 -4.23 3.61 4.63
N GLY A 323 -5.01 2.57 4.75
CA GLY A 323 -6.17 2.62 5.65
C GLY A 323 -6.04 1.73 6.86
N ALA A 324 -7.16 1.17 7.27
CA ALA A 324 -7.26 0.36 8.47
C ALA A 324 -6.34 -0.86 8.44
N TYR A 325 -5.76 -1.17 9.60
CA TYR A 325 -4.75 -2.23 9.77
C TYR A 325 -3.50 -1.96 8.91
N GLY A 326 -3.31 -0.72 8.48
CA GLY A 326 -2.17 -0.36 7.61
C GLY A 326 -2.25 -0.91 6.19
N ILE A 327 -3.43 -1.33 5.77
CA ILE A 327 -3.62 -1.93 4.46
C ILE A 327 -4.04 -0.87 3.45
N CYS A 328 -3.45 -0.95 2.26
CA CYS A 328 -3.70 0.05 1.23
C CYS A 328 -4.94 -0.30 0.47
N THR A 329 -5.83 0.66 0.30
CA THR A 329 -6.87 0.54 -0.72
C THR A 329 -6.63 1.55 -1.82
N ASP A 330 -6.43 1.04 -3.01
CA ASP A 330 -6.05 1.85 -4.12
C ASP A 330 -7.10 1.65 -5.20
N ILE A 331 -8.09 2.56 -5.23
CA ILE A 331 -9.16 2.49 -6.22
C ILE A 331 -9.41 3.86 -6.79
N SER A 332 -9.98 3.89 -7.99
CA SER A 332 -10.21 5.13 -8.72
C SER A 332 -11.61 5.17 -9.32
N ARG A 333 -12.24 6.33 -9.23
CA ARG A 333 -13.54 6.53 -9.86
C ARG A 333 -13.58 7.89 -10.54
N SER A 334 -14.51 8.04 -11.48
CA SER A 334 -14.85 9.34 -12.01
C SER A 334 -16.33 9.63 -11.77
N TRP A 335 -16.63 10.84 -11.33
CA TRP A 335 -18.00 11.25 -11.01
C TRP A 335 -18.47 12.40 -11.88
N TRP A 336 -19.72 12.32 -12.35
CA TRP A 336 -20.38 13.45 -13.01
C TRP A 336 -21.35 14.07 -12.02
N ILE A 337 -21.10 15.33 -11.69
CA ILE A 337 -22.01 16.10 -10.87
C ILE A 337 -22.58 17.22 -11.72
N GLY A 338 -23.89 17.16 -11.92
CA GLY A 338 -24.62 18.13 -12.74
C GLY A 338 -25.95 17.57 -13.18
N ASP A 339 -26.89 18.48 -13.46
CA ASP A 339 -28.23 18.09 -13.90
C ASP A 339 -28.28 17.71 -15.36
N GLN A 340 -27.51 18.40 -16.20
CA GLN A 340 -27.47 18.04 -17.61
C GLN A 340 -26.77 16.70 -17.82
N LYS A 341 -27.01 16.05 -18.95
CA LYS A 341 -26.39 14.75 -19.24
C LYS A 341 -24.94 15.04 -19.61
N PRO A 342 -24.03 14.07 -19.38
CA PRO A 342 -22.64 14.34 -19.75
C PRO A 342 -22.47 14.23 -21.28
N ARG A 343 -21.40 14.81 -21.82
CA ARG A 343 -21.12 14.72 -23.26
C ARG A 343 -20.97 13.26 -23.63
N ALA A 344 -21.31 12.93 -24.87
CA ALA A 344 -21.27 11.56 -25.33
C ALA A 344 -19.86 10.93 -25.31
N ASP A 345 -18.81 11.76 -25.39
CA ASP A 345 -17.44 11.22 -25.35
C ASP A 345 -17.03 10.79 -23.94
N MET A 346 -17.55 11.48 -22.93
CA MET A 346 -17.43 11.10 -21.52
C MET A 346 -18.09 9.76 -21.25
N ILE A 347 -19.32 9.58 -21.73
CA ILE A 347 -19.98 8.29 -21.57
C ILE A 347 -19.23 7.20 -22.30
N TYR A 348 -18.76 7.48 -23.51
CA TYR A 348 -17.96 6.47 -24.24
C TYR A 348 -16.68 6.10 -23.51
N ALA A 349 -15.96 7.12 -23.04
CA ALA A 349 -14.69 6.92 -22.32
C ALA A 349 -14.89 6.05 -21.06
N MET A 350 -15.89 6.39 -20.27
CA MET A 350 -16.31 5.64 -19.08
C MET A 350 -16.57 4.17 -19.41
N GLN A 351 -17.44 3.90 -20.38
CA GLN A 351 -17.78 2.53 -20.73
C GLN A 351 -16.56 1.79 -21.22
N HIS A 352 -15.67 2.51 -21.88
CA HIS A 352 -14.44 1.93 -22.46
C HIS A 352 -13.45 1.52 -21.33
N GLY A 353 -13.31 2.38 -20.34
CA GLY A 353 -12.51 2.06 -19.15
C GLY A 353 -13.05 0.83 -18.45
N VAL A 354 -14.35 0.81 -18.23
CA VAL A 354 -14.98 -0.33 -17.57
C VAL A 354 -14.71 -1.61 -18.33
N GLU A 355 -14.84 -1.56 -19.66
CA GLU A 355 -14.55 -2.74 -20.50
C GLU A 355 -13.07 -3.14 -20.35
N HIS A 356 -12.18 -2.14 -20.36
CA HIS A 356 -10.74 -2.35 -20.20
C HIS A 356 -10.41 -3.13 -18.91
N ILE A 357 -10.91 -2.62 -17.78
CA ILE A 357 -10.72 -3.27 -16.47
C ILE A 357 -11.34 -4.67 -16.42
N ARG A 358 -12.60 -4.80 -16.81
CA ARG A 358 -13.29 -6.09 -16.72
C ARG A 358 -12.68 -7.15 -17.64
N THR A 359 -12.22 -6.74 -18.81
CA THR A 359 -11.57 -7.69 -19.74
C THR A 359 -10.22 -8.16 -19.18
N ASN A 360 -9.36 -7.23 -18.77
CA ASN A 360 -8.06 -7.62 -18.19
C ASN A 360 -8.18 -8.47 -16.93
N MET A 361 -9.12 -8.10 -16.07
CA MET A 361 -9.45 -8.85 -14.87
C MET A 361 -9.76 -10.32 -15.17
N GLU A 362 -10.43 -10.56 -16.31
CA GLU A 362 -10.77 -11.93 -16.73
C GLU A 362 -9.54 -12.80 -17.03
N MET A 363 -8.42 -12.16 -17.41
CA MET A 363 -7.16 -12.89 -17.61
C MET A 363 -6.56 -13.46 -16.29
N LEU A 364 -7.03 -12.97 -15.15
CA LEU A 364 -6.40 -13.31 -13.86
C LEU A 364 -6.70 -14.75 -13.41
N LYS A 365 -5.62 -15.51 -13.19
CA LYS A 365 -5.64 -16.93 -12.82
C LYS A 365 -4.23 -17.29 -12.31
N PRO A 366 -4.11 -18.22 -11.33
CA PRO A 366 -2.75 -18.62 -10.96
C PRO A 366 -2.06 -19.35 -12.10
N GLY A 367 -0.75 -19.15 -12.23
CA GLY A 367 0.04 -19.83 -13.25
C GLY A 367 0.23 -19.03 -14.52
N VAL A 368 -0.57 -17.97 -14.70
CA VAL A 368 -0.36 -17.03 -15.81
C VAL A 368 0.91 -16.22 -15.49
N MET A 369 1.76 -16.03 -16.49
CA MET A 369 2.99 -15.23 -16.36
C MET A 369 2.64 -13.77 -16.49
N ILE A 370 3.36 -12.92 -15.76
CA ILE A 370 3.17 -11.47 -15.85
C ILE A 370 3.23 -10.93 -17.29
N PRO A 371 4.24 -11.36 -18.09
CA PRO A 371 4.28 -10.82 -19.47
C PRO A 371 3.18 -11.32 -20.40
N GLU A 372 2.54 -12.44 -20.04
CA GLU A 372 1.31 -12.92 -20.72
C GLU A 372 0.18 -11.90 -20.52
N LEU A 373 0.09 -11.34 -19.31
CA LEU A 373 -0.86 -10.27 -19.01
C LEU A 373 -0.57 -9.01 -19.81
N SER A 374 0.72 -8.66 -19.93
CA SER A 374 1.15 -7.55 -20.78
C SER A 374 0.70 -7.79 -22.21
N ALA A 375 1.13 -8.91 -22.80
CA ALA A 375 0.80 -9.24 -24.19
C ALA A 375 -0.71 -9.16 -24.46
N ASN A 376 -1.51 -9.83 -23.64
CA ASN A 376 -2.92 -10.06 -23.94
C ASN A 376 -3.91 -9.02 -23.41
N THR A 377 -3.40 -7.86 -23.01
CA THR A 377 -4.25 -6.77 -22.56
C THR A 377 -5.30 -6.43 -23.62
N HIS A 378 -6.51 -6.16 -23.16
CA HIS A 378 -7.48 -5.44 -23.94
C HIS A 378 -6.83 -4.16 -24.53
N VAL A 379 -7.11 -3.90 -25.80
CA VAL A 379 -6.49 -2.82 -26.56
C VAL A 379 -7.33 -1.55 -26.49
N LEU A 380 -6.76 -0.49 -25.94
CA LEU A 380 -7.47 0.78 -25.86
C LEU A 380 -7.59 1.40 -27.26
N ASP A 381 -8.62 2.20 -27.47
CA ASP A 381 -8.78 2.90 -28.74
C ASP A 381 -7.56 3.76 -29.02
N ALA A 382 -7.47 4.22 -30.26
CA ALA A 382 -6.32 4.96 -30.74
C ALA A 382 -6.17 6.30 -30.04
N LYS A 383 -7.28 7.02 -29.84
CA LYS A 383 -7.22 8.34 -29.19
C LYS A 383 -6.85 8.27 -27.72
N PHE A 384 -6.66 7.05 -27.21
CA PHE A 384 -6.35 6.81 -25.79
C PHE A 384 -4.95 6.20 -25.57
N GLN A 385 -4.35 5.66 -26.62
CA GLN A 385 -3.07 4.98 -26.52
C GLN A 385 -1.96 5.88 -26.00
N LYS A 386 -1.86 7.10 -26.54
CA LYS A 386 -0.74 7.99 -26.22
C LYS A 386 -0.66 8.34 -24.72
N GLN A 387 -1.81 8.55 -24.08
CA GLN A 387 -1.85 9.05 -22.70
C GLN A 387 -2.37 8.02 -21.69
N LYS A 388 -2.27 6.73 -22.05
CA LYS A 388 -2.73 5.69 -21.15
C LYS A 388 -1.83 5.55 -19.90
N TYR A 389 -2.30 4.79 -18.92
CA TYR A 389 -1.60 4.65 -17.65
C TYR A 389 -0.27 3.91 -17.81
N GLY A 390 0.64 4.14 -16.85
CA GLY A 390 1.97 3.50 -16.85
C GLY A 390 1.97 1.98 -16.73
N CYS A 391 0.82 1.42 -16.36
CA CYS A 391 0.64 -0.04 -16.27
C CYS A 391 -0.83 -0.38 -16.39
N LEU A 392 -1.13 -1.64 -16.70
CA LEU A 392 -2.52 -2.10 -16.66
C LEU A 392 -2.87 -2.75 -15.32
N MET A 393 -1.86 -3.20 -14.59
CA MET A 393 -2.04 -3.80 -13.25
C MET A 393 -0.81 -3.56 -12.39
N HIS A 394 -1.01 -3.59 -11.08
CA HIS A 394 0.12 -3.60 -10.16
C HIS A 394 -0.27 -4.28 -8.87
N GLY A 395 0.72 -4.68 -8.08
CA GLY A 395 0.44 -5.26 -6.78
C GLY A 395 0.04 -4.22 -5.75
N VAL A 396 -0.58 -4.71 -4.70
CA VAL A 396 -0.99 -3.83 -3.60
C VAL A 396 -0.98 -4.59 -2.28
N GLY A 397 -0.55 -3.91 -1.21
CA GLY A 397 -0.54 -4.51 0.11
C GLY A 397 -0.55 -3.42 1.15
N LEU A 398 0.63 -3.06 1.62
CA LEU A 398 0.78 -1.95 2.54
C LEU A 398 0.86 -0.61 1.79
N CYS A 399 1.01 -0.71 0.47
CA CYS A 399 1.04 0.40 -0.47
C CYS A 399 1.11 -0.24 -1.84
N ASP A 400 1.37 0.54 -2.88
CA ASP A 400 1.60 -0.06 -4.22
C ASP A 400 2.81 -0.99 -4.11
N GLU A 401 2.69 -2.17 -4.70
CA GLU A 401 3.70 -3.20 -4.56
C GLU A 401 3.98 -3.93 -5.87
N TRP A 402 5.12 -4.61 -5.90
CA TRP A 402 5.47 -5.56 -6.93
C TRP A 402 4.34 -6.59 -7.05
N PRO A 403 4.02 -7.02 -8.29
CA PRO A 403 4.66 -6.66 -9.56
C PRO A 403 4.05 -5.44 -10.24
N LEU A 404 4.68 -5.03 -11.34
CA LEU A 404 4.11 -4.04 -12.23
C LEU A 404 3.85 -4.77 -13.55
N VAL A 405 2.63 -4.60 -14.09
CA VAL A 405 2.25 -5.22 -15.35
C VAL A 405 2.10 -4.11 -16.39
N ALA A 406 3.19 -3.82 -17.12
CA ALA A 406 3.19 -2.72 -18.12
C ALA A 406 2.51 -3.11 -19.41
N TYR A 407 1.98 -2.11 -20.12
CA TYR A 407 1.42 -2.35 -21.46
C TYR A 407 2.53 -2.83 -22.39
N PRO A 408 2.21 -3.68 -23.38
CA PRO A 408 3.24 -4.36 -24.18
C PRO A 408 4.25 -3.40 -24.80
N ASP A 409 3.81 -2.20 -25.17
CA ASP A 409 4.70 -1.21 -25.78
C ASP A 409 5.69 -0.56 -24.80
N HIS A 410 5.64 -0.98 -23.53
CA HIS A 410 6.60 -0.53 -22.49
C HIS A 410 7.20 -1.69 -21.71
N ALA A 411 6.60 -2.87 -21.81
CA ALA A 411 7.07 -4.04 -21.08
C ALA A 411 8.54 -4.32 -21.35
N VAL A 412 9.32 -4.48 -20.28
CA VAL A 412 10.73 -4.82 -20.41
C VAL A 412 10.87 -6.33 -20.35
N ALA A 413 11.38 -6.93 -21.43
CA ALA A 413 11.53 -8.38 -21.49
C ALA A 413 12.51 -8.85 -20.42
N GLY A 414 12.18 -9.97 -19.78
CA GLY A 414 13.01 -10.52 -18.69
C GLY A 414 12.94 -9.80 -17.34
N ALA A 415 12.07 -8.80 -17.22
CA ALA A 415 12.00 -8.02 -15.98
C ALA A 415 11.06 -8.62 -14.93
N TYR A 416 9.98 -9.25 -15.39
CA TYR A 416 9.00 -9.82 -14.47
C TYR A 416 8.59 -11.24 -14.88
N ASP A 417 9.56 -12.12 -15.15
CA ASP A 417 9.26 -13.52 -15.55
C ASP A 417 8.82 -14.41 -14.39
N TYR A 418 7.57 -14.22 -13.93
CA TYR A 418 7.06 -14.94 -12.76
C TYR A 418 5.57 -15.27 -12.93
N PRO A 419 5.10 -16.36 -12.29
CA PRO A 419 3.66 -16.66 -12.36
C PRO A 419 2.84 -15.96 -11.26
N LEU A 420 1.56 -15.72 -11.55
CA LEU A 420 0.64 -15.33 -10.50
C LEU A 420 0.44 -16.51 -9.57
N GLU A 421 0.27 -16.22 -8.28
CA GLU A 421 0.02 -17.24 -7.29
C GLU A 421 -1.22 -16.85 -6.52
N PRO A 422 -1.94 -17.86 -5.96
CA PRO A 422 -3.06 -17.56 -5.08
C PRO A 422 -2.58 -16.72 -3.90
N GLY A 423 -3.36 -15.71 -3.50
CA GLY A 423 -2.99 -14.84 -2.39
C GLY A 423 -2.37 -13.52 -2.84
N MET A 424 -2.05 -13.40 -4.13
CA MET A 424 -1.61 -12.14 -4.67
C MET A 424 -2.80 -11.25 -4.83
N THR A 425 -2.60 -9.97 -4.58
CA THR A 425 -3.66 -8.99 -4.66
C THR A 425 -3.17 -7.84 -5.53
N LEU A 426 -3.93 -7.60 -6.59
CA LEU A 426 -3.57 -6.64 -7.65
C LEU A 426 -4.66 -5.60 -7.86
N CYS A 427 -4.23 -4.39 -8.21
CA CYS A 427 -5.13 -3.36 -8.69
C CYS A 427 -5.13 -3.35 -10.23
N VAL A 428 -6.33 -3.35 -10.83
CA VAL A 428 -6.52 -3.31 -12.28
C VAL A 428 -6.95 -1.89 -12.69
N GLU A 429 -6.19 -1.29 -13.61
CA GLU A 429 -6.21 0.16 -13.90
C GLU A 429 -6.82 0.48 -15.26
N ALA A 430 -7.39 1.68 -15.38
CA ALA A 430 -7.76 2.27 -16.66
C ALA A 430 -7.70 3.78 -16.56
N LEU A 431 -6.81 4.35 -17.34
CA LEU A 431 -6.82 5.77 -17.56
C LEU A 431 -7.29 5.96 -19.00
N ILE A 432 -8.34 6.74 -19.20
CA ILE A 432 -8.95 6.92 -20.53
C ILE A 432 -8.92 8.41 -20.74
N SER A 433 -7.93 8.85 -21.51
CA SER A 433 -7.55 10.24 -21.54
C SER A 433 -7.22 10.67 -22.97
N GLU A 434 -8.07 11.50 -23.57
CA GLU A 434 -7.81 11.94 -24.94
C GLU A 434 -6.64 12.92 -25.00
N GLU A 435 -5.73 12.70 -25.94
CA GLU A 435 -4.62 13.65 -26.15
C GLU A 435 -5.15 15.06 -26.45
N GLY A 436 -4.60 16.04 -25.72
CA GLY A 436 -5.09 17.41 -25.77
C GLY A 436 -6.49 17.57 -25.21
N GLY A 437 -7.03 16.48 -24.67
CA GLY A 437 -8.42 16.39 -24.27
C GLY A 437 -8.88 17.28 -23.12
N ASP A 438 -10.17 17.13 -22.84
CA ASP A 438 -10.93 17.99 -21.94
C ASP A 438 -10.99 17.40 -20.52
N PHE A 439 -10.86 16.07 -20.42
CA PHE A 439 -11.14 15.35 -19.18
C PHE A 439 -10.50 13.99 -19.30
N SER A 440 -10.24 13.31 -18.18
CA SER A 440 -9.87 11.89 -18.21
C SER A 440 -10.77 11.07 -17.31
N ILE A 441 -11.05 9.86 -17.76
CA ILE A 441 -11.70 8.84 -16.92
C ILE A 441 -10.58 8.04 -16.26
N LYS A 442 -10.58 8.01 -14.93
CA LYS A 442 -9.69 7.12 -14.17
C LYS A 442 -10.47 6.10 -13.35
N LEU A 443 -10.36 4.82 -13.71
CA LEU A 443 -11.03 3.74 -12.98
C LEU A 443 -10.01 2.71 -12.51
N GLU A 444 -10.29 2.09 -11.37
CA GLU A 444 -9.38 1.10 -10.76
C GLU A 444 -10.11 0.24 -9.71
N ASP A 445 -9.97 -1.07 -9.82
CA ASP A 445 -10.53 -2.03 -8.85
C ASP A 445 -9.40 -2.85 -8.25
N GLN A 446 -9.64 -3.37 -7.04
CA GLN A 446 -8.63 -4.15 -6.32
C GLN A 446 -9.08 -5.60 -6.25
N VAL A 447 -8.22 -6.52 -6.67
CA VAL A 447 -8.65 -7.88 -6.92
C VAL A 447 -7.76 -8.89 -6.21
N LEU A 448 -8.33 -10.02 -5.80
CA LEU A 448 -7.56 -11.09 -5.17
C LEU A 448 -7.45 -12.27 -6.10
N ILE A 449 -6.25 -12.84 -6.21
CA ILE A 449 -6.10 -14.09 -6.93
C ILE A 449 -6.42 -15.25 -5.99
N THR A 450 -7.28 -16.14 -6.46
CA THR A 450 -7.76 -17.30 -5.71
C THR A 450 -7.17 -18.58 -6.32
N GLU A 451 -7.61 -19.76 -5.87
CA GLU A 451 -7.14 -21.03 -6.43
C GLU A 451 -7.58 -21.18 -7.88
N ASP A 452 -8.85 -20.86 -8.14
CA ASP A 452 -9.49 -21.15 -9.42
C ASP A 452 -9.51 -19.95 -10.38
N GLY A 453 -9.23 -18.75 -9.87
CA GLY A 453 -9.25 -17.56 -10.72
C GLY A 453 -8.97 -16.28 -9.98
N TYR A 454 -10.00 -15.45 -9.84
CA TYR A 454 -9.87 -14.17 -9.16
C TYR A 454 -11.12 -13.82 -8.40
N GLU A 455 -11.04 -12.80 -7.55
CA GLU A 455 -12.18 -12.24 -6.86
C GLU A 455 -11.99 -10.72 -6.72
N ASN A 456 -12.86 -9.95 -7.37
CA ASN A 456 -12.84 -8.50 -7.30
C ASN A 456 -13.30 -8.12 -5.90
N LEU A 457 -12.44 -7.42 -5.15
CA LEU A 457 -12.76 -7.04 -3.79
C LEU A 457 -13.51 -5.74 -3.76
N THR A 458 -13.39 -4.97 -4.84
CA THR A 458 -14.04 -3.67 -4.92
C THR A 458 -15.54 -3.80 -5.20
N LYS A 459 -16.34 -3.05 -4.46
CA LYS A 459 -17.81 -3.08 -4.61
C LYS A 459 -18.33 -1.71 -5.01
N TYR A 460 -17.46 -0.70 -5.01
CA TYR A 460 -17.93 0.64 -5.32
C TYR A 460 -18.60 0.72 -6.70
N PRO A 461 -19.78 1.35 -6.76
CA PRO A 461 -20.47 1.46 -8.06
C PRO A 461 -19.80 2.45 -9.03
N PHE A 462 -20.05 2.25 -10.31
CA PHE A 462 -19.65 3.23 -11.30
C PHE A 462 -20.76 4.27 -11.44
N ASP A 463 -20.37 5.50 -11.75
CA ASP A 463 -21.32 6.61 -11.81
C ASP A 463 -22.36 6.33 -12.89
N PRO A 464 -23.65 6.19 -12.49
CA PRO A 464 -24.69 5.78 -13.45
C PRO A 464 -24.91 6.82 -14.58
N ALA A 465 -24.71 8.10 -14.30
CA ALA A 465 -24.77 9.13 -15.33
C ALA A 465 -23.61 9.03 -16.34
N LEU A 466 -22.42 8.68 -15.85
CA LEU A 466 -21.28 8.48 -16.77
C LEU A 466 -21.35 7.16 -17.49
N MET A 467 -22.07 6.20 -16.92
CA MET A 467 -22.32 4.94 -17.60
C MET A 467 -23.49 5.05 -18.59
N GLY A 468 -24.29 6.12 -18.51
CA GLY A 468 -25.47 6.30 -19.38
C GLY A 468 -26.71 5.51 -18.99
FE FE B . -4.15 4.19 -7.76
FE FE C . -3.00 2.08 -8.95
#